data_1K78
#
_entry.id   1K78
#
_cell.length_a   77.840
_cell.length_b   89.750
_cell.length_c   170.740
_cell.angle_alpha   90.00
_cell.angle_beta   90.00
_cell.angle_gamma   90.00
#
_symmetry.space_group_name_H-M   'P 21 21 21'
#
loop_
_entity.id
_entity.type
_entity.pdbx_description
1 polymer 'Pax5/Ets Binding Site on the mb-1 promoter'
2 polymer 'Pax5/Ets Binding Site on the mb-1 promoter'
3 polymer 'Paired Box Protein Pax5'
4 polymer 'C-ets-1 Protein'
5 water water
#
loop_
_entity_poly.entity_id
_entity_poly.type
_entity_poly.pdbx_seq_one_letter_code
_entity_poly.pdbx_strand_id
1 'polydeoxyribonucleotide'
;(DT)(DT)(DG)(DT)(DG)(DC)(DC)(DG)(DG)(DA)(DG)(DA)(DT)(DG)(DG)(DG)(DC)(DT)(DC)(DC)
(DA)(DG)(DT)(DG)(DG)(DC)(DC)
;
C,G
2 'polydeoxyribonucleotide'
;(DA)(DA)(DG)(DG)(DC)(DC)(DA)(DC)(DT)(DG)(DG)(DA)(DG)(DC)(DC)(DC)(DA)(DT)(DC)(DT)
(DC)(DC)(DG)(DG)(DC)(DA)(DC)
;
D,H
3 'polypeptide(L)'
;MDLEKNYPTPRTSRTGHGGVNQLGGVFVNGRPLPDVVRQRIVELAHQGVRPCDISRQLRVSHGCVSKILGRYYETGSIKP
GVIGGSKPKVATPKVVEKIAEYKRQNPTMFAWEIRDRLLAERVCDNDTVPSVSSINRIIRTKVQQPPNQ
;
A,E,I
4 'polypeptide(L)'
;GSGPIQLWQFLLELLTDKSCQSFISWTGDGWEFKLSDPDEVARRWGKRKNKPKMNYEKLSRGLRYYYDKNIIHKTAGKRY
VYRFVCDLQSLLGYTPEELHAMLDVKPDAD
;
B,F
#
# COMPACT_ATOMS: atom_id res chain seq x y z
N GLY E 19 -32.86 -9.42 -25.07
CA GLY E 19 -33.13 -10.64 -25.88
C GLY E 19 -34.57 -11.10 -25.86
N VAL E 20 -34.90 -12.02 -26.77
CA VAL E 20 -36.23 -12.60 -26.90
C VAL E 20 -36.07 -14.12 -26.78
N ASN E 21 -36.74 -14.73 -25.82
CA ASN E 21 -36.59 -16.16 -25.65
C ASN E 21 -37.40 -16.85 -26.72
N GLN E 22 -37.35 -18.18 -26.74
CA GLN E 22 -38.06 -18.96 -27.74
C GLN E 22 -39.59 -18.96 -27.60
N LEU E 23 -40.08 -18.45 -26.48
CA LEU E 23 -41.52 -18.37 -26.29
C LEU E 23 -41.98 -17.00 -26.77
N GLY E 24 -41.02 -16.19 -27.24
CA GLY E 24 -41.33 -14.85 -27.73
C GLY E 24 -41.29 -13.80 -26.63
N GLY E 25 -40.79 -14.17 -25.47
CA GLY E 25 -40.74 -13.21 -24.38
C GLY E 25 -39.46 -12.43 -24.28
N VAL E 26 -39.60 -11.16 -23.89
CA VAL E 26 -38.46 -10.26 -23.74
C VAL E 26 -37.83 -10.49 -22.38
N PHE E 27 -36.51 -10.66 -22.35
CA PHE E 27 -35.81 -10.91 -21.09
C PHE E 27 -34.47 -10.17 -21.07
N VAL E 28 -33.94 -9.97 -19.87
CA VAL E 28 -32.65 -9.29 -19.71
C VAL E 28 -31.67 -10.30 -19.14
N ASN E 29 -30.84 -10.87 -20.01
CA ASN E 29 -29.88 -11.88 -19.61
C ASN E 29 -29.10 -11.50 -18.35
N GLY E 30 -29.17 -12.36 -17.34
CA GLY E 30 -28.46 -12.09 -16.10
C GLY E 30 -29.27 -11.41 -15.01
N ARG E 31 -30.40 -10.82 -15.37
CA ARG E 31 -31.25 -10.10 -14.42
C ARG E 31 -32.50 -10.88 -14.02
N PRO E 32 -33.02 -10.62 -12.81
CA PRO E 32 -34.22 -11.32 -12.33
C PRO E 32 -35.47 -10.89 -13.08
N LEU E 33 -36.42 -11.80 -13.18
CA LEU E 33 -37.68 -11.52 -13.84
C LEU E 33 -38.32 -10.43 -12.97
N PRO E 34 -38.89 -9.37 -13.59
CA PRO E 34 -39.52 -8.29 -12.82
C PRO E 34 -40.51 -8.83 -11.78
N ASP E 35 -40.52 -8.23 -10.59
CA ASP E 35 -41.42 -8.67 -9.52
C ASP E 35 -42.88 -8.82 -9.95
N VAL E 36 -43.34 -7.92 -10.81
CA VAL E 36 -44.73 -7.96 -11.26
C VAL E 36 -45.08 -9.27 -11.98
N VAL E 37 -44.13 -9.78 -12.78
CA VAL E 37 -44.31 -11.04 -13.52
C VAL E 37 -44.23 -12.19 -12.53
N ARG E 38 -43.29 -12.08 -11.58
CA ARG E 38 -43.10 -13.11 -10.58
C ARG E 38 -44.41 -13.30 -9.83
N GLN E 39 -45.06 -12.18 -9.48
CA GLN E 39 -46.32 -12.21 -8.74
C GLN E 39 -47.42 -12.85 -9.58
N ARG E 40 -47.45 -12.53 -10.87
CA ARG E 40 -48.46 -13.11 -11.74
C ARG E 40 -48.28 -14.63 -11.90
N ILE E 41 -47.03 -15.10 -11.85
CA ILE E 41 -46.81 -16.54 -11.98
C ILE E 41 -47.42 -17.24 -10.78
N VAL E 42 -47.14 -16.73 -9.59
CA VAL E 42 -47.70 -17.33 -8.39
C VAL E 42 -49.22 -17.24 -8.39
N GLU E 43 -49.75 -16.10 -8.81
CA GLU E 43 -51.20 -15.90 -8.83
C GLU E 43 -51.90 -16.86 -9.78
N LEU E 44 -51.36 -17.03 -10.99
CA LEU E 44 -51.96 -17.95 -11.95
C LEU E 44 -51.94 -19.40 -11.45
N ALA E 45 -50.85 -19.81 -10.81
CA ALA E 45 -50.77 -21.19 -10.31
C ALA E 45 -51.81 -21.30 -9.19
N HIS E 46 -51.93 -20.24 -8.40
CA HIS E 46 -52.88 -20.23 -7.30
C HIS E 46 -54.29 -20.44 -7.85
N GLN E 47 -54.55 -19.87 -9.02
CA GLN E 47 -55.86 -19.98 -9.69
C GLN E 47 -56.09 -21.31 -10.42
N GLY E 48 -55.06 -22.15 -10.49
CA GLY E 48 -55.22 -23.44 -11.15
C GLY E 48 -54.61 -23.57 -12.54
N VAL E 49 -53.86 -22.58 -12.99
CA VAL E 49 -53.24 -22.66 -14.31
C VAL E 49 -52.02 -23.59 -14.21
N ARG E 50 -51.92 -24.54 -15.15
N ARG E 50 -51.91 -24.53 -15.13
CA ARG E 50 -50.81 -25.51 -15.23
CA ARG E 50 -50.79 -25.46 -15.13
C ARG E 50 -49.48 -24.76 -15.49
N PRO E 51 -48.39 -25.10 -14.77
CA PRO E 51 -47.13 -24.40 -15.02
C PRO E 51 -46.73 -24.30 -16.50
N CYS E 52 -46.92 -25.37 -17.26
CA CYS E 52 -46.59 -25.34 -18.69
C CYS E 52 -47.39 -24.26 -19.39
N ASP E 53 -48.64 -24.08 -18.96
CA ASP E 53 -49.50 -23.05 -19.56
C ASP E 53 -49.09 -21.66 -19.11
N ILE E 54 -48.64 -21.55 -17.86
CA ILE E 54 -48.17 -20.26 -17.33
C ILE E 54 -46.95 -19.86 -18.13
N SER E 55 -46.04 -20.82 -18.34
CA SER E 55 -44.80 -20.60 -19.09
C SER E 55 -45.12 -20.09 -20.50
N ARG E 56 -45.98 -20.81 -21.24
CA ARG E 56 -46.38 -20.42 -22.59
C ARG E 56 -47.15 -19.09 -22.65
N GLN E 57 -48.11 -18.89 -21.73
CA GLN E 57 -48.90 -17.65 -21.74
C GLN E 57 -48.09 -16.43 -21.36
N LEU E 58 -47.30 -16.51 -20.29
CA LEU E 58 -46.47 -15.35 -19.91
C LEU E 58 -45.12 -15.29 -20.69
N ARG E 59 -44.84 -16.33 -21.49
CA ARG E 59 -43.58 -16.36 -22.26
C ARG E 59 -42.32 -16.35 -21.38
N VAL E 60 -42.28 -17.26 -20.43
CA VAL E 60 -41.16 -17.41 -19.52
C VAL E 60 -40.76 -18.91 -19.58
N SER E 61 -39.47 -19.20 -19.62
CA SER E 61 -39.03 -20.59 -19.71
C SER E 61 -39.69 -21.36 -18.56
N HIS E 62 -40.08 -22.61 -18.80
CA HIS E 62 -40.74 -23.37 -17.76
C HIS E 62 -39.79 -23.63 -16.59
N GLY E 63 -38.50 -23.58 -16.88
CA GLY E 63 -37.51 -23.78 -15.82
C GLY E 63 -37.57 -22.62 -14.83
N CYS E 64 -37.77 -21.40 -15.34
CA CYS E 64 -37.86 -20.23 -14.48
C CYS E 64 -39.17 -20.28 -13.67
N VAL E 65 -40.26 -20.61 -14.35
CA VAL E 65 -41.56 -20.74 -13.69
C VAL E 65 -41.42 -21.80 -12.57
N SER E 66 -40.73 -22.89 -12.88
CA SER E 66 -40.50 -23.97 -11.92
C SER E 66 -39.73 -23.46 -10.70
N LYS E 67 -38.69 -22.67 -10.95
N LYS E 67 -38.69 -22.67 -10.95
CA LYS E 67 -37.85 -22.12 -9.89
CA LYS E 67 -37.85 -22.11 -9.89
C LYS E 67 -38.66 -21.16 -9.00
C LYS E 67 -38.67 -21.17 -9.01
N ILE E 68 -39.35 -20.24 -9.64
CA ILE E 68 -40.15 -19.27 -8.90
C ILE E 68 -41.22 -19.93 -8.03
N LEU E 69 -41.96 -20.87 -8.62
CA LEU E 69 -43.00 -21.53 -7.85
C LEU E 69 -42.39 -22.37 -6.74
N GLY E 70 -41.38 -23.17 -7.08
CA GLY E 70 -40.76 -24.01 -6.07
C GLY E 70 -40.28 -23.18 -4.87
N ARG E 71 -39.69 -22.02 -5.15
CA ARG E 71 -39.19 -21.17 -4.09
C ARG E 71 -40.36 -20.57 -3.30
N TYR E 72 -41.44 -20.25 -4.00
CA TYR E 72 -42.61 -19.68 -3.33
C TYR E 72 -43.29 -20.66 -2.38
N TYR E 73 -43.49 -21.90 -2.82
CA TYR E 73 -44.15 -22.90 -1.97
C TYR E 73 -43.27 -23.22 -0.75
N GLU E 74 -41.98 -23.03 -0.91
CA GLU E 74 -41.02 -23.35 0.14
C GLU E 74 -40.73 -22.22 1.10
N THR E 75 -40.71 -21.00 0.56
CA THR E 75 -40.37 -19.81 1.34
C THR E 75 -41.53 -18.85 1.62
N GLY E 76 -42.47 -18.74 0.69
CA GLY E 76 -43.58 -17.82 0.88
C GLY E 76 -43.26 -16.51 0.18
N SER E 77 -42.04 -16.40 -0.32
CA SER E 77 -41.60 -15.19 -1.00
C SER E 77 -41.45 -15.35 -2.52
N ILE E 78 -41.64 -14.25 -3.22
CA ILE E 78 -41.52 -14.22 -4.67
C ILE E 78 -40.21 -13.54 -5.03
N LYS E 79 -39.46 -13.12 -4.01
CA LYS E 79 -38.20 -12.43 -4.23
C LYS E 79 -37.06 -13.30 -4.75
N PRO E 80 -36.30 -12.78 -5.72
CA PRO E 80 -35.18 -13.56 -6.26
C PRO E 80 -34.05 -13.54 -5.23
N GLY E 81 -33.06 -14.41 -5.39
CA GLY E 81 -31.97 -14.42 -4.43
C GLY E 81 -31.12 -13.16 -4.55
N VAL E 82 -30.19 -12.97 -3.63
CA VAL E 82 -29.33 -11.79 -3.69
C VAL E 82 -28.18 -12.04 -4.66
N ILE E 83 -28.13 -11.23 -5.72
CA ILE E 83 -27.10 -11.35 -6.76
C ILE E 83 -25.83 -10.54 -6.43
N GLY E 84 -24.70 -11.03 -6.92
CA GLY E 84 -23.44 -10.34 -6.74
C GLY E 84 -22.61 -10.55 -5.49
N GLY E 85 -21.56 -9.72 -5.37
CA GLY E 85 -20.68 -9.78 -4.23
C GLY E 85 -19.58 -10.82 -4.28
N SER E 86 -18.80 -10.89 -3.20
CA SER E 86 -17.72 -11.84 -3.05
C SER E 86 -17.41 -11.95 -1.56
N LYS E 87 -16.71 -13.02 -1.18
CA LYS E 87 -16.32 -13.25 0.20
C LYS E 87 -14.90 -12.74 0.42
N PRO E 88 -14.52 -12.48 1.67
CA PRO E 88 -13.18 -11.98 2.01
C PRO E 88 -12.06 -12.91 1.57
N LYS E 89 -10.92 -12.33 1.22
CA LYS E 89 -9.75 -13.11 0.82
C LYS E 89 -8.61 -12.92 1.81
N VAL E 90 -8.28 -11.66 2.11
CA VAL E 90 -7.22 -11.35 3.08
C VAL E 90 -7.83 -10.96 4.42
N ALA E 91 -8.99 -10.31 4.38
CA ALA E 91 -9.67 -9.88 5.59
C ALA E 91 -10.38 -11.03 6.30
N THR E 92 -9.60 -12.07 6.62
CA THR E 92 -10.08 -13.25 7.31
C THR E 92 -10.62 -12.88 8.69
N PRO E 93 -11.56 -13.68 9.23
CA PRO E 93 -12.11 -13.38 10.56
C PRO E 93 -11.04 -13.24 11.64
N LYS E 94 -9.98 -14.05 11.53
CA LYS E 94 -8.89 -14.00 12.50
C LYS E 94 -8.00 -12.78 12.28
N VAL E 95 -7.67 -12.51 11.02
CA VAL E 95 -6.85 -11.37 10.70
C VAL E 95 -7.52 -10.08 11.15
N VAL E 96 -8.82 -9.99 10.93
CA VAL E 96 -9.58 -8.82 11.33
C VAL E 96 -9.52 -8.63 12.84
N GLU E 97 -9.70 -9.73 13.58
CA GLU E 97 -9.67 -9.62 15.04
C GLU E 97 -8.27 -9.25 15.52
N LYS E 98 -7.24 -9.72 14.82
CA LYS E 98 -5.86 -9.40 15.19
C LYS E 98 -5.60 -7.90 15.02
N ILE E 99 -6.08 -7.33 13.91
CA ILE E 99 -5.89 -5.91 13.65
C ILE E 99 -6.58 -5.12 14.76
N ALA E 100 -7.74 -5.58 15.18
CA ALA E 100 -8.48 -4.89 16.24
C ALA E 100 -7.69 -4.96 17.55
N GLU E 101 -7.09 -6.11 17.82
CA GLU E 101 -6.31 -6.29 19.04
C GLU E 101 -5.08 -5.39 19.04
N TYR E 102 -4.46 -5.22 17.87
CA TYR E 102 -3.29 -4.37 17.74
C TYR E 102 -3.66 -2.91 17.99
N LYS E 103 -4.76 -2.46 17.41
CA LYS E 103 -5.20 -1.07 17.59
C LYS E 103 -5.56 -0.78 19.03
N ARG E 104 -6.21 -1.73 19.68
CA ARG E 104 -6.60 -1.56 21.08
C ARG E 104 -5.34 -1.45 21.93
N GLN E 105 -4.32 -2.23 21.58
CA GLN E 105 -3.05 -2.19 22.31
C GLN E 105 -2.29 -0.90 22.09
N ASN E 106 -2.22 -0.45 20.84
CA ASN E 106 -1.50 0.77 20.50
C ASN E 106 -2.30 1.55 19.46
N PRO E 107 -3.21 2.43 19.91
CA PRO E 107 -4.03 3.23 19.01
C PRO E 107 -3.26 4.04 17.97
N THR E 108 -2.02 4.40 18.29
CA THR E 108 -1.26 5.20 17.33
C THR E 108 -0.45 4.38 16.34
N MET E 109 -0.42 3.05 16.50
CA MET E 109 0.34 2.20 15.58
C MET E 109 -0.14 2.46 14.14
N PHE E 110 0.78 2.53 13.18
CA PHE E 110 0.41 2.78 11.79
C PHE E 110 0.00 1.49 11.06
N ALA E 111 -0.67 1.65 9.92
CA ALA E 111 -1.10 0.49 9.14
C ALA E 111 0.08 -0.40 8.70
N TRP E 112 1.16 0.22 8.24
CA TRP E 112 2.30 -0.58 7.80
C TRP E 112 2.97 -1.29 8.96
N GLU E 113 2.86 -0.73 10.16
CA GLU E 113 3.46 -1.36 11.34
C GLU E 113 2.57 -2.53 11.70
N ILE E 114 1.27 -2.38 11.45
CA ILE E 114 0.35 -3.48 11.72
C ILE E 114 0.66 -4.60 10.73
N ARG E 115 0.90 -4.21 9.48
CA ARG E 115 1.23 -5.17 8.43
C ARG E 115 2.46 -5.98 8.85
N ASP E 116 3.42 -5.30 9.46
CA ASP E 116 4.64 -5.96 9.90
C ASP E 116 4.44 -6.90 11.09
N ARG E 117 3.57 -6.54 12.03
CA ARG E 117 3.36 -7.40 13.18
C ARG E 117 2.52 -8.62 12.79
N LEU E 118 1.68 -8.47 11.78
CA LEU E 118 0.87 -9.60 11.31
C LEU E 118 1.83 -10.66 10.80
N LEU E 119 2.88 -10.20 10.13
CA LEU E 119 3.88 -11.10 9.60
C LEU E 119 4.78 -11.61 10.73
N ALA E 120 5.34 -10.70 11.50
CA ALA E 120 6.23 -11.05 12.61
C ALA E 120 5.62 -12.07 13.58
N GLU E 121 4.30 -12.15 13.63
CA GLU E 121 3.63 -13.10 14.52
C GLU E 121 3.09 -14.27 13.70
N ARG E 122 3.22 -14.17 12.38
CA ARG E 122 2.77 -15.20 11.46
C ARG E 122 1.28 -15.44 11.37
N VAL E 123 0.49 -14.38 11.43
CA VAL E 123 -0.95 -14.51 11.30
C VAL E 123 -1.19 -14.56 9.80
N CYS E 124 -0.20 -14.10 9.05
CA CYS E 124 -0.26 -14.05 7.59
C CYS E 124 1.06 -14.39 6.93
N ASP E 125 1.00 -14.78 5.66
CA ASP E 125 2.18 -15.11 4.86
C ASP E 125 2.43 -13.86 4.03
N ASN E 126 3.44 -13.86 3.19
CA ASN E 126 3.69 -12.69 2.35
C ASN E 126 2.64 -12.64 1.25
N ASP E 127 1.74 -13.63 1.26
CA ASP E 127 0.67 -13.70 0.27
C ASP E 127 -0.67 -13.42 0.96
N THR E 128 -0.76 -13.79 2.23
CA THR E 128 -1.97 -13.59 3.02
C THR E 128 -2.10 -12.20 3.60
N VAL E 129 -0.96 -11.61 3.99
CA VAL E 129 -0.94 -10.28 4.59
C VAL E 129 -1.72 -9.25 3.79
N PRO E 130 -2.67 -8.56 4.44
CA PRO E 130 -3.49 -7.53 3.79
C PRO E 130 -2.62 -6.35 3.36
N SER E 131 -3.03 -5.65 2.31
CA SER E 131 -2.28 -4.49 1.85
C SER E 131 -2.51 -3.38 2.87
N VAL E 132 -1.77 -2.28 2.75
CA VAL E 132 -1.93 -1.16 3.67
C VAL E 132 -3.33 -0.57 3.54
N SER E 133 -3.82 -0.49 2.30
CA SER E 133 -5.15 0.05 2.06
C SER E 133 -6.19 -0.80 2.77
N SER E 134 -6.10 -2.11 2.58
CA SER E 134 -7.03 -3.03 3.19
C SER E 134 -7.02 -2.93 4.71
N ILE E 135 -5.82 -2.88 5.29
CA ILE E 135 -5.71 -2.78 6.74
C ILE E 135 -6.44 -1.54 7.27
N ASN E 136 -6.23 -0.40 6.62
CA ASN E 136 -6.90 0.81 7.05
C ASN E 136 -8.39 0.70 6.77
N ARG E 137 -8.73 0.13 5.61
CA ARG E 137 -10.13 -0.06 5.26
C ARG E 137 -10.76 -0.94 6.33
N ILE E 138 -10.05 -1.99 6.72
CA ILE E 138 -10.56 -2.89 7.76
C ILE E 138 -10.74 -2.09 9.06
N ILE E 139 -9.73 -1.29 9.41
CA ILE E 139 -9.79 -0.48 10.63
C ILE E 139 -11.06 0.36 10.62
N ARG E 140 -11.23 1.08 9.52
CA ARG E 140 -12.35 1.98 9.30
C ARG E 140 -13.73 1.34 9.34
N THR E 141 -13.89 0.23 8.61
CA THR E 141 -15.16 -0.45 8.56
C THR E 141 -15.35 -1.30 9.81
N LYS E 142 -15.29 -2.63 9.72
CA LYS E 142 -15.43 -3.41 10.94
C LYS E 142 -14.28 -3.01 11.88
N ILE F 5 -24.89 -22.83 -28.70
CA ILE F 5 -25.68 -23.03 -29.95
C ILE F 5 -26.96 -23.83 -29.67
N GLN F 6 -28.02 -23.47 -30.39
CA GLN F 6 -29.30 -24.12 -30.21
C GLN F 6 -29.46 -25.27 -31.19
N LEU F 7 -30.22 -26.29 -30.78
CA LEU F 7 -30.41 -27.45 -31.63
C LEU F 7 -30.82 -27.13 -33.07
N TRP F 8 -31.84 -26.29 -33.24
CA TRP F 8 -32.30 -25.98 -34.59
C TRP F 8 -31.18 -25.35 -35.43
N GLN F 9 -30.34 -24.53 -34.81
CA GLN F 9 -29.20 -23.91 -35.50
C GLN F 9 -28.16 -24.97 -35.86
N PHE F 10 -27.92 -25.90 -34.95
CA PHE F 10 -26.94 -26.97 -35.17
C PHE F 10 -27.32 -27.79 -36.37
N LEU F 11 -28.61 -28.13 -36.47
CA LEU F 11 -29.09 -28.91 -37.60
C LEU F 11 -28.91 -28.10 -38.89
N LEU F 12 -29.10 -26.79 -38.80
CA LEU F 12 -28.96 -25.94 -39.97
C LEU F 12 -27.50 -25.97 -40.42
N GLU F 13 -26.59 -25.94 -39.44
CA GLU F 13 -25.15 -26.00 -39.70
C GLU F 13 -24.85 -27.26 -40.48
N LEU F 14 -25.39 -28.39 -40.03
CA LEU F 14 -25.17 -29.68 -40.70
C LEU F 14 -25.78 -29.69 -42.09
N LEU F 15 -26.95 -29.07 -42.22
CA LEU F 15 -27.67 -29.01 -43.48
C LEU F 15 -27.03 -28.10 -44.53
N THR F 16 -26.11 -27.23 -44.11
CA THR F 16 -25.43 -26.34 -45.05
C THR F 16 -23.96 -26.74 -45.17
N ASP F 17 -23.69 -28.03 -45.00
CA ASP F 17 -22.35 -28.58 -45.09
C ASP F 17 -22.44 -29.87 -45.93
N LYS F 18 -21.88 -29.83 -47.14
CA LYS F 18 -21.95 -30.98 -48.03
C LYS F 18 -21.44 -32.30 -47.46
N SER F 19 -20.39 -32.25 -46.65
CA SER F 19 -19.83 -33.48 -46.07
C SER F 19 -20.74 -34.19 -45.08
N CYS F 20 -21.88 -33.58 -44.74
CA CYS F 20 -22.81 -34.19 -43.79
C CYS F 20 -24.04 -34.78 -44.47
N GLN F 21 -24.12 -34.60 -45.78
CA GLN F 21 -25.27 -35.08 -46.55
C GLN F 21 -25.60 -36.57 -46.52
N SER F 22 -24.68 -37.42 -46.05
CA SER F 22 -25.00 -38.85 -46.00
C SER F 22 -25.85 -39.18 -44.76
N PHE F 23 -25.89 -38.27 -43.78
CA PHE F 23 -26.70 -38.54 -42.60
C PHE F 23 -27.82 -37.53 -42.32
N ILE F 24 -27.79 -36.38 -42.99
CA ILE F 24 -28.86 -35.40 -42.83
C ILE F 24 -28.91 -34.54 -44.10
N SER F 25 -30.09 -34.43 -44.72
CA SER F 25 -30.20 -33.66 -45.95
C SER F 25 -31.58 -33.04 -46.22
N TRP F 26 -31.61 -31.98 -47.04
CA TRP F 26 -32.88 -31.34 -47.39
C TRP F 26 -33.64 -32.31 -48.28
N THR F 27 -34.96 -32.31 -48.19
CA THR F 27 -35.74 -33.21 -49.02
C THR F 27 -36.08 -32.53 -50.34
N GLY F 28 -35.73 -31.25 -50.44
CA GLY F 28 -36.00 -30.51 -51.66
C GLY F 28 -37.30 -29.73 -51.57
N ASP F 29 -38.18 -30.16 -50.68
CA ASP F 29 -39.48 -29.50 -50.49
C ASP F 29 -39.32 -28.37 -49.47
N GLY F 30 -39.16 -27.15 -49.95
CA GLY F 30 -39.02 -26.02 -49.05
C GLY F 30 -37.94 -26.21 -48.03
N TRP F 31 -38.27 -26.01 -46.75
CA TRP F 31 -37.28 -26.16 -45.68
C TRP F 31 -37.43 -27.50 -44.95
N GLU F 32 -37.90 -28.51 -45.68
CA GLU F 32 -38.09 -29.84 -45.10
C GLU F 32 -36.75 -30.59 -45.12
N PHE F 33 -36.46 -31.33 -44.05
CA PHE F 33 -35.24 -32.12 -44.00
C PHE F 33 -35.47 -33.53 -43.46
N LYS F 34 -34.49 -34.40 -43.70
CA LYS F 34 -34.58 -35.78 -43.26
C LYS F 34 -33.35 -36.23 -42.51
N LEU F 35 -33.56 -36.91 -41.40
CA LEU F 35 -32.44 -37.44 -40.62
C LEU F 35 -32.19 -38.84 -41.18
N SER F 36 -31.48 -38.92 -42.31
CA SER F 36 -31.16 -40.20 -42.95
C SER F 36 -30.57 -41.18 -41.95
N ASP F 37 -29.72 -40.68 -41.06
CA ASP F 37 -29.12 -41.53 -40.01
C ASP F 37 -29.34 -40.74 -38.72
N PRO F 38 -30.50 -40.94 -38.08
CA PRO F 38 -30.83 -40.25 -36.84
C PRO F 38 -29.84 -40.45 -35.70
N ASP F 39 -29.22 -41.63 -35.66
CA ASP F 39 -28.27 -41.88 -34.59
C ASP F 39 -26.97 -41.13 -34.80
N GLU F 40 -26.55 -40.95 -36.06
CA GLU F 40 -25.31 -40.19 -36.27
C GLU F 40 -25.61 -38.73 -35.90
N VAL F 41 -26.79 -38.24 -36.28
CA VAL F 41 -27.14 -36.87 -35.93
C VAL F 41 -27.14 -36.66 -34.42
N ALA F 42 -27.72 -37.60 -33.68
CA ALA F 42 -27.77 -37.45 -32.23
C ALA F 42 -26.36 -37.48 -31.66
N ARG F 43 -25.50 -38.34 -32.19
CA ARG F 43 -24.13 -38.44 -31.67
C ARG F 43 -23.40 -37.11 -31.81
N ARG F 44 -23.53 -36.49 -32.99
CA ARG F 44 -22.85 -35.22 -33.23
C ARG F 44 -23.38 -34.10 -32.33
N TRP F 45 -24.69 -34.13 -32.06
CA TRP F 45 -25.30 -33.12 -31.20
C TRP F 45 -24.71 -33.34 -29.81
N GLY F 46 -24.67 -34.59 -29.38
CA GLY F 46 -24.11 -34.90 -28.08
C GLY F 46 -22.69 -34.41 -27.97
N LYS F 47 -21.92 -34.54 -29.04
CA LYS F 47 -20.53 -34.08 -29.02
C LYS F 47 -20.44 -32.55 -28.98
N ARG F 48 -21.28 -31.87 -29.74
N ARG F 48 -21.28 -31.88 -29.75
CA ARG F 48 -21.27 -30.42 -29.77
CA ARG F 48 -21.27 -30.43 -29.78
C ARG F 48 -21.59 -29.77 -28.42
C ARG F 48 -21.60 -29.77 -28.43
N LYS F 49 -22.51 -30.37 -27.67
CA LYS F 49 -22.90 -29.83 -26.37
C LYS F 49 -22.17 -30.48 -25.19
N ASN F 50 -21.27 -31.42 -25.46
CA ASN F 50 -20.55 -32.08 -24.37
C ASN F 50 -21.55 -32.87 -23.51
N LYS F 51 -22.42 -33.63 -24.16
CA LYS F 51 -23.40 -34.45 -23.46
C LYS F 51 -23.22 -35.90 -23.90
N PRO F 52 -22.28 -36.61 -23.26
CA PRO F 52 -21.95 -38.02 -23.53
C PRO F 52 -23.16 -38.96 -23.63
N LYS F 53 -24.23 -38.67 -22.91
CA LYS F 53 -25.39 -39.56 -22.96
C LYS F 53 -26.46 -39.19 -24.00
N MET F 54 -26.20 -38.23 -24.87
CA MET F 54 -27.22 -37.86 -25.85
C MET F 54 -27.50 -39.06 -26.76
N ASN F 55 -28.75 -39.20 -27.17
CA ASN F 55 -29.16 -40.30 -28.04
C ASN F 55 -30.35 -39.82 -28.86
N TYR F 56 -30.83 -40.63 -29.79
N TYR F 56 -30.84 -40.67 -29.75
CA TYR F 56 -31.94 -40.18 -30.62
CA TYR F 56 -31.97 -40.32 -30.62
C TYR F 56 -33.19 -39.89 -29.79
C TYR F 56 -33.26 -40.04 -29.85
N GLU F 57 -33.47 -40.73 -28.80
N GLU F 57 -33.43 -40.71 -28.71
CA GLU F 57 -34.63 -40.51 -27.94
CA GLU F 57 -34.63 -40.53 -27.90
C GLU F 57 -34.70 -39.08 -27.42
C GLU F 57 -34.71 -39.09 -27.38
N LYS F 58 -33.59 -38.60 -26.87
CA LYS F 58 -33.53 -37.25 -26.33
C LYS F 58 -33.51 -36.18 -27.41
N LEU F 59 -32.82 -36.45 -28.52
N LEU F 59 -32.83 -36.45 -28.53
CA LEU F 59 -32.79 -35.52 -29.65
CA LEU F 59 -32.80 -35.49 -29.63
C LEU F 59 -34.24 -35.33 -30.11
C LEU F 59 -34.25 -35.33 -30.10
N SER F 60 -34.94 -36.46 -30.27
CA SER F 60 -36.34 -36.45 -30.68
C SER F 60 -37.22 -35.64 -29.75
N ARG F 61 -36.96 -35.73 -28.44
CA ARG F 61 -37.76 -34.97 -27.49
C ARG F 61 -37.41 -33.49 -27.71
N GLY F 62 -36.17 -33.23 -28.07
CA GLY F 62 -35.74 -31.86 -28.32
C GLY F 62 -36.49 -31.26 -29.49
N LEU F 63 -36.73 -32.08 -30.51
CA LEU F 63 -37.47 -31.60 -31.66
C LEU F 63 -38.94 -31.36 -31.29
N ARG F 64 -39.53 -32.24 -30.46
CA ARG F 64 -40.94 -32.09 -30.05
C ARG F 64 -41.13 -30.78 -29.30
N TYR F 65 -40.07 -30.37 -28.63
CA TYR F 65 -40.03 -29.15 -27.85
C TYR F 65 -40.17 -27.91 -28.75
N TYR F 66 -39.77 -28.04 -30.01
CA TYR F 66 -39.86 -26.94 -30.97
C TYR F 66 -41.27 -26.79 -31.60
N TYR F 67 -42.10 -27.83 -31.52
CA TYR F 67 -43.43 -27.78 -32.12
C TYR F 67 -44.25 -26.52 -31.84
N ASP F 68 -44.41 -26.15 -30.58
CA ASP F 68 -45.21 -24.97 -30.25
C ASP F 68 -44.41 -23.66 -30.17
N LYS F 69 -43.14 -23.72 -30.53
CA LYS F 69 -42.31 -22.52 -30.52
C LYS F 69 -42.30 -22.05 -31.98
N ASN F 70 -42.99 -22.81 -32.82
CA ASN F 70 -43.05 -22.55 -34.25
C ASN F 70 -41.65 -22.30 -34.80
N ILE F 71 -40.81 -23.30 -34.55
CA ILE F 71 -39.43 -23.31 -35.00
C ILE F 71 -39.29 -24.49 -35.94
N ILE F 72 -39.82 -25.64 -35.53
CA ILE F 72 -39.77 -26.85 -36.34
C ILE F 72 -41.03 -27.69 -36.18
N HIS F 73 -41.49 -28.29 -37.27
CA HIS F 73 -42.67 -29.15 -37.26
C HIS F 73 -42.25 -30.50 -37.82
N LYS F 74 -42.97 -31.55 -37.43
CA LYS F 74 -42.64 -32.89 -37.90
C LYS F 74 -43.61 -33.31 -38.98
N THR F 75 -43.07 -33.81 -40.09
CA THR F 75 -43.91 -34.28 -41.20
C THR F 75 -44.57 -35.61 -40.89
N ALA F 76 -45.89 -35.65 -41.01
CA ALA F 76 -46.66 -36.87 -40.73
C ALA F 76 -46.55 -37.94 -41.79
N GLY F 77 -46.74 -39.18 -41.38
CA GLY F 77 -46.69 -40.28 -42.32
C GLY F 77 -45.30 -40.79 -42.66
N LYS F 78 -44.28 -40.12 -42.14
CA LYS F 78 -42.91 -40.54 -42.37
C LYS F 78 -42.11 -40.46 -41.08
N ARG F 79 -40.96 -41.11 -41.05
CA ARG F 79 -40.11 -41.05 -39.88
C ARG F 79 -38.87 -40.27 -40.22
N TYR F 80 -38.37 -39.51 -39.25
CA TYR F 80 -37.16 -38.72 -39.40
C TYR F 80 -37.29 -37.52 -40.30
N VAL F 81 -38.52 -37.14 -40.66
CA VAL F 81 -38.72 -35.99 -41.52
C VAL F 81 -39.34 -34.79 -40.78
N TYR F 82 -38.62 -33.67 -40.79
CA TYR F 82 -39.06 -32.45 -40.14
C TYR F 82 -38.99 -31.25 -41.09
N ARG F 83 -39.51 -30.12 -40.66
CA ARG F 83 -39.53 -28.92 -41.49
C ARG F 83 -39.32 -27.68 -40.64
N PHE F 84 -38.38 -26.83 -41.04
CA PHE F 84 -38.16 -25.60 -40.30
C PHE F 84 -39.40 -24.74 -40.63
N VAL F 85 -40.03 -24.14 -39.63
CA VAL F 85 -41.18 -23.29 -39.92
C VAL F 85 -40.93 -21.86 -39.52
N CYS F 86 -39.76 -21.59 -38.95
CA CYS F 86 -39.42 -20.22 -38.61
C CYS F 86 -39.03 -19.65 -39.98
N ASP F 87 -38.92 -18.33 -40.10
CA ASP F 87 -38.58 -17.76 -41.40
C ASP F 87 -37.07 -17.73 -41.63
N LEU F 88 -36.56 -18.81 -42.21
CA LEU F 88 -35.14 -18.93 -42.50
C LEU F 88 -34.73 -17.96 -43.61
N GLN F 89 -35.66 -17.68 -44.53
CA GLN F 89 -35.39 -16.76 -45.62
C GLN F 89 -34.76 -15.50 -45.05
N SER F 90 -35.46 -14.88 -44.11
CA SER F 90 -35.00 -13.65 -43.47
C SER F 90 -33.68 -13.80 -42.74
N LEU F 91 -33.49 -14.94 -42.07
CA LEU F 91 -32.27 -15.19 -41.34
C LEU F 91 -31.06 -15.45 -42.22
N LEU F 92 -31.21 -16.39 -43.15
CA LEU F 92 -30.12 -16.75 -44.04
C LEU F 92 -29.91 -15.80 -45.20
N GLY F 93 -31.01 -15.21 -45.69
CA GLY F 93 -30.92 -14.30 -46.81
C GLY F 93 -31.04 -15.07 -48.11
N TYR F 94 -31.31 -16.37 -47.99
CA TYR F 94 -31.45 -17.24 -49.14
C TYR F 94 -32.86 -17.78 -49.25
N THR F 95 -33.18 -18.23 -50.43
CA THR F 95 -34.45 -18.90 -50.69
C THR F 95 -34.26 -20.41 -50.63
N PRO F 96 -35.25 -21.18 -50.37
CA PRO F 96 -35.04 -22.63 -50.30
C PRO F 96 -34.31 -23.18 -51.54
N GLU F 97 -34.96 -23.10 -52.70
CA GLU F 97 -34.40 -23.59 -53.97
C GLU F 97 -32.97 -23.09 -54.14
N GLU F 98 -32.77 -21.85 -53.71
CA GLU F 98 -31.51 -21.13 -53.78
C GLU F 98 -30.39 -21.72 -52.94
N LEU F 99 -30.74 -22.15 -51.73
CA LEU F 99 -29.77 -22.73 -50.82
C LEU F 99 -29.47 -24.16 -51.25
N HIS F 100 -30.50 -24.87 -51.69
CA HIS F 100 -30.35 -26.25 -52.15
C HIS F 100 -29.39 -26.31 -53.32
N ALA F 101 -29.42 -25.26 -54.15
CA ALA F 101 -28.56 -25.18 -55.31
C ALA F 101 -27.11 -25.00 -54.88
N MET F 102 -26.90 -24.21 -53.84
CA MET F 102 -25.56 -23.96 -53.35
C MET F 102 -24.96 -25.24 -52.74
N LEU F 103 -25.83 -26.15 -52.31
CA LEU F 103 -25.41 -27.40 -51.69
C LEU F 103 -25.58 -28.61 -52.61
N ASP F 104 -25.93 -28.35 -53.87
CA ASP F 104 -26.14 -29.42 -54.84
C ASP F 104 -27.14 -30.46 -54.33
N VAL F 105 -28.34 -29.99 -53.97
CA VAL F 105 -29.40 -30.86 -53.46
C VAL F 105 -30.18 -31.48 -54.62
N LYS F 106 -30.03 -32.78 -54.80
CA LYS F 106 -30.69 -33.55 -55.85
C LYS F 106 -32.09 -33.06 -56.20
N GLY G 19 36.80 15.75 32.09
CA GLY G 19 35.70 15.96 31.10
C GLY G 19 35.54 14.84 30.08
N VAL G 20 34.32 14.31 29.99
CA VAL G 20 34.01 13.25 29.05
C VAL G 20 32.74 13.67 28.29
N ASN G 21 32.83 13.73 26.98
CA ASN G 21 31.67 14.15 26.20
C ASN G 21 30.71 12.99 25.99
N GLN G 22 29.58 13.25 25.35
CA GLN G 22 28.60 12.21 25.14
C GLN G 22 29.03 11.13 24.14
N LEU G 23 30.19 11.31 23.52
CA LEU G 23 30.71 10.29 22.60
C LEU G 23 31.71 9.41 23.34
N GLY G 24 31.94 9.72 24.61
CA GLY G 24 32.88 8.95 25.40
C GLY G 24 34.31 9.46 25.37
N GLY G 25 34.54 10.57 24.68
CA GLY G 25 35.88 11.12 24.60
C GLY G 25 36.22 12.11 25.68
N VAL G 26 37.47 12.08 26.15
CA VAL G 26 37.87 13.02 27.20
C VAL G 26 38.28 14.32 26.55
N PHE G 27 38.00 15.43 27.23
CA PHE G 27 38.35 16.74 26.72
C PHE G 27 38.63 17.66 27.89
N VAL G 28 39.42 18.70 27.64
CA VAL G 28 39.77 19.68 28.67
C VAL G 28 39.06 20.98 28.33
N ASN G 29 37.96 21.24 29.03
CA ASN G 29 37.16 22.42 28.76
C ASN G 29 38.00 23.69 28.59
N GLY G 30 37.76 24.39 27.50
CA GLY G 30 38.48 25.63 27.22
C GLY G 30 39.79 25.48 26.47
N ARG G 31 40.30 24.26 26.37
CA ARG G 31 41.57 24.02 25.70
C ARG G 31 41.40 23.40 24.32
N PRO G 32 42.35 23.67 23.41
CA PRO G 32 42.30 23.12 22.06
C PRO G 32 42.47 21.61 22.06
N LEU G 33 41.92 20.96 21.04
CA LEU G 33 42.04 19.52 20.88
C LEU G 33 43.53 19.30 20.58
N PRO G 34 44.15 18.26 21.18
CA PRO G 34 45.58 17.97 20.96
C PRO G 34 45.94 17.77 19.48
N ASP G 35 47.07 18.37 19.07
CA ASP G 35 47.56 18.28 17.69
C ASP G 35 47.48 16.88 17.10
N VAL G 36 47.84 15.88 17.90
CA VAL G 36 47.80 14.50 17.42
C VAL G 36 46.40 14.15 16.90
N VAL G 37 45.37 14.67 17.56
CA VAL G 37 44.00 14.37 17.16
C VAL G 37 43.59 15.26 16.00
N ARG G 38 44.00 16.52 16.03
CA ARG G 38 43.67 17.44 14.95
C ARG G 38 44.21 16.87 13.64
N GLN G 39 45.40 16.25 13.72
CA GLN G 39 46.05 15.68 12.56
C GLN G 39 45.29 14.46 12.06
N ARG G 40 44.74 13.66 12.99
CA ARG G 40 43.97 12.47 12.62
C ARG G 40 42.65 12.86 11.93
N ILE G 41 42.02 13.91 12.43
CA ILE G 41 40.77 14.38 11.83
C ILE G 41 41.04 14.62 10.34
N VAL G 42 42.09 15.39 10.04
CA VAL G 42 42.46 15.71 8.66
C VAL G 42 42.78 14.45 7.86
N GLU G 43 43.61 13.60 8.45
CA GLU G 43 44.03 12.35 7.81
C GLU G 43 42.85 11.45 7.43
N LEU G 44 41.89 11.27 8.34
CA LEU G 44 40.72 10.44 8.06
C LEU G 44 39.83 11.01 6.96
N ALA G 45 39.67 12.34 6.96
CA ALA G 45 38.85 12.98 5.93
C ALA G 45 39.58 12.75 4.61
N HIS G 46 40.90 12.83 4.66
CA HIS G 46 41.73 12.61 3.47
C HIS G 46 41.47 11.18 2.98
N GLN G 47 41.26 10.26 3.91
CA GLN G 47 41.00 8.87 3.54
C GLN G 47 39.58 8.60 3.07
N GLY G 48 38.74 9.63 3.04
CA GLY G 48 37.37 9.43 2.58
C GLY G 48 36.35 9.19 3.69
N VAL G 49 36.78 9.27 4.94
CA VAL G 49 35.86 9.08 6.05
C VAL G 49 34.98 10.34 6.19
N ARG G 50 33.67 10.15 6.20
CA ARG G 50 32.74 11.28 6.30
C ARG G 50 32.89 11.93 7.67
N PRO G 51 32.75 13.26 7.74
CA PRO G 51 32.88 13.97 9.02
C PRO G 51 32.04 13.38 10.16
N CYS G 52 30.79 13.00 9.89
CA CYS G 52 29.95 12.43 10.93
C CYS G 52 30.63 11.16 11.48
N ASP G 53 31.30 10.40 10.62
CA ASP G 53 31.98 9.18 11.07
C ASP G 53 33.31 9.50 11.77
N ILE G 54 33.94 10.60 11.39
CA ILE G 54 35.18 11.01 12.02
C ILE G 54 34.85 11.41 13.44
N SER G 55 33.72 12.06 13.60
CA SER G 55 33.24 12.53 14.89
C SER G 55 33.04 11.34 15.82
N ARG G 56 32.30 10.33 15.36
CA ARG G 56 32.04 9.12 16.16
C ARG G 56 33.29 8.30 16.46
N GLN G 57 34.14 8.10 15.45
CA GLN G 57 35.35 7.31 15.63
C GLN G 57 36.37 7.95 16.56
N LEU G 58 36.59 9.25 16.44
CA LEU G 58 37.57 9.92 17.29
C LEU G 58 36.94 10.49 18.57
N ARG G 59 35.64 10.32 18.72
CA ARG G 59 34.96 10.83 19.90
C ARG G 59 35.14 12.34 20.10
N VAL G 60 34.89 13.10 19.04
CA VAL G 60 34.96 14.55 19.03
C VAL G 60 33.61 15.06 18.50
N SER G 61 33.05 16.11 19.09
CA SER G 61 31.76 16.62 18.62
C SER G 61 31.88 17.02 17.14
N HIS G 62 30.81 16.82 16.37
CA HIS G 62 30.88 17.11 14.94
C HIS G 62 31.13 18.59 14.63
N GLY G 63 30.74 19.48 15.53
CA GLY G 63 30.96 20.89 15.29
C GLY G 63 32.45 21.19 15.31
N CYS G 64 33.15 20.52 16.22
CA CYS G 64 34.59 20.70 16.35
C CYS G 64 35.25 20.17 15.09
N VAL G 65 34.83 18.99 14.65
CA VAL G 65 35.38 18.36 13.44
C VAL G 65 35.14 19.28 12.25
N SER G 66 33.93 19.85 12.18
CA SER G 66 33.58 20.77 11.10
C SER G 66 34.53 21.97 11.11
N LYS G 67 34.71 22.57 12.29
CA LYS G 67 35.58 23.74 12.44
C LYS G 67 37.03 23.46 12.00
N ILE G 68 37.60 22.36 12.49
CA ILE G 68 38.96 21.99 12.15
C ILE G 68 39.19 21.70 10.65
N LEU G 69 38.27 20.95 10.04
CA LEU G 69 38.39 20.65 8.62
C LEU G 69 38.27 21.92 7.81
N GLY G 70 37.25 22.74 8.10
CA GLY G 70 37.07 23.98 7.37
C GLY G 70 38.34 24.84 7.42
N ARG G 71 38.88 25.00 8.62
CA ARG G 71 40.11 25.76 8.81
C ARG G 71 41.28 25.16 8.00
N TYR G 72 41.39 23.83 8.01
CA TYR G 72 42.48 23.17 7.30
C TYR G 72 42.42 23.39 5.78
N TYR G 73 41.26 23.17 5.18
CA TYR G 73 41.11 23.37 3.74
C TYR G 73 41.45 24.81 3.35
N GLU G 74 41.09 25.76 4.20
CA GLU G 74 41.33 27.16 3.90
C GLU G 74 42.75 27.67 4.16
N THR G 75 43.42 27.17 5.19
CA THR G 75 44.76 27.65 5.51
C THR G 75 45.89 26.64 5.34
N GLY G 76 45.57 25.36 5.34
CA GLY G 76 46.62 24.36 5.20
C GLY G 76 47.22 23.89 6.52
N SER G 77 46.81 24.46 7.65
CA SER G 77 47.36 24.03 8.93
C SER G 77 46.28 23.54 9.91
N ILE G 78 46.67 22.63 10.80
CA ILE G 78 45.77 22.07 11.80
C ILE G 78 45.87 22.83 13.12
N LYS G 79 46.58 23.95 13.12
CA LYS G 79 46.77 24.75 14.33
C LYS G 79 45.56 25.57 14.78
N PRO G 80 45.30 25.60 16.09
CA PRO G 80 44.19 26.35 16.65
C PRO G 80 44.48 27.84 16.63
N GLY G 81 43.47 28.66 16.88
CA GLY G 81 43.66 30.10 16.89
C GLY G 81 44.53 30.51 18.07
N VAL G 82 44.85 31.80 18.15
CA VAL G 82 45.66 32.30 19.25
C VAL G 82 44.74 32.52 20.44
N ILE G 83 44.84 31.63 21.42
CA ILE G 83 44.00 31.73 22.61
C ILE G 83 44.53 32.78 23.59
N GLY G 84 43.60 33.45 24.26
CA GLY G 84 43.97 34.44 25.26
C GLY G 84 44.58 35.71 24.71
N GLY G 85 44.95 36.60 25.63
CA GLY G 85 45.55 37.85 25.24
C GLY G 85 44.58 39.02 25.36
N SER G 86 45.04 40.19 24.94
CA SER G 86 44.23 41.40 24.97
C SER G 86 44.93 42.49 24.16
N LYS G 87 44.16 43.46 23.70
CA LYS G 87 44.69 44.56 22.90
C LYS G 87 44.98 45.78 23.78
N PRO G 88 45.89 46.66 23.32
CA PRO G 88 46.24 47.87 24.08
C PRO G 88 45.02 48.77 24.26
N LYS G 89 45.00 49.52 25.36
CA LYS G 89 43.90 50.43 25.64
C LYS G 89 44.40 51.87 25.82
N VAL G 90 45.59 52.01 26.40
CA VAL G 90 46.18 53.33 26.62
C VAL G 90 47.50 53.45 25.87
N ALA G 91 48.16 52.31 25.64
CA ALA G 91 49.44 52.29 24.92
C ALA G 91 49.20 52.25 23.41
N THR G 92 48.47 53.26 22.90
CA THR G 92 48.15 53.36 21.49
C THR G 92 49.39 53.66 20.65
N PRO G 93 49.27 53.54 19.32
CA PRO G 93 50.40 53.80 18.41
C PRO G 93 50.90 55.24 18.52
N LYS G 94 49.99 56.20 18.53
CA LYS G 94 50.36 57.62 18.64
C LYS G 94 51.05 57.90 19.97
N VAL G 95 50.45 57.43 21.06
CA VAL G 95 51.01 57.63 22.39
C VAL G 95 52.44 57.14 22.47
N VAL G 96 52.70 55.96 21.93
CA VAL G 96 54.04 55.39 21.93
C VAL G 96 54.99 56.23 21.09
N GLU G 97 54.49 56.74 19.97
CA GLU G 97 55.30 57.57 19.09
C GLU G 97 55.64 58.89 19.78
N LYS G 98 54.77 59.32 20.68
CA LYS G 98 54.97 60.56 21.43
C LYS G 98 55.98 60.39 22.57
N ILE G 99 55.81 59.31 23.33
CA ILE G 99 56.71 59.03 24.44
C ILE G 99 58.12 58.83 23.92
N ALA G 100 58.25 58.27 22.72
CA ALA G 100 59.56 58.03 22.13
C ALA G 100 60.22 59.35 21.72
N GLU G 101 59.39 60.30 21.28
CA GLU G 101 59.90 61.62 20.87
C GLU G 101 60.43 62.36 22.09
N TYR G 102 59.61 62.41 23.14
CA TYR G 102 59.98 63.07 24.39
C TYR G 102 61.34 62.59 24.88
N LYS G 103 61.51 61.28 24.93
CA LYS G 103 62.77 60.69 25.37
C LYS G 103 63.93 61.08 24.44
N ARG G 104 63.66 61.05 23.14
CA ARG G 104 64.68 61.46 22.18
C ARG G 104 65.12 62.90 22.40
N GLN G 105 64.14 63.71 22.83
CA GLN G 105 64.39 65.12 23.10
C GLN G 105 65.11 65.31 24.43
N ASN G 106 64.69 64.55 25.44
CA ASN G 106 65.28 64.64 26.77
C ASN G 106 65.43 63.25 27.37
N PRO G 107 66.57 62.59 27.10
CA PRO G 107 66.81 61.24 27.64
C PRO G 107 66.68 61.26 29.15
N THR G 108 66.90 62.43 29.72
CA THR G 108 66.86 62.63 31.16
C THR G 108 65.45 62.83 31.76
N MET G 109 64.50 63.30 30.95
CA MET G 109 63.13 63.52 31.42
C MET G 109 62.58 62.31 32.18
N PHE G 110 61.80 62.56 33.23
CA PHE G 110 61.21 61.48 34.04
C PHE G 110 59.86 61.01 33.52
N ALA G 111 59.46 59.81 33.93
CA ALA G 111 58.18 59.24 33.51
C ALA G 111 57.02 60.15 33.87
N TRP G 112 56.89 60.52 35.14
CA TRP G 112 55.78 61.39 35.53
C TRP G 112 55.85 62.72 34.79
N GLU G 113 57.04 63.07 34.32
CA GLU G 113 57.22 64.32 33.57
C GLU G 113 56.74 64.08 32.15
N ILE G 114 56.81 62.83 31.71
CA ILE G 114 56.37 62.46 30.37
C ILE G 114 54.84 62.39 30.40
N ARG G 115 54.29 62.00 31.53
CA ARG G 115 52.85 61.92 31.67
C ARG G 115 52.26 63.33 31.60
N ASP G 116 52.95 64.29 32.21
CA ASP G 116 52.48 65.66 32.22
C ASP G 116 52.48 66.37 30.86
N ARG G 117 53.52 66.18 30.05
CA ARG G 117 53.54 66.83 28.75
C ARG G 117 52.63 66.07 27.80
N LEU G 118 52.48 64.78 28.06
CA LEU G 118 51.62 63.93 27.25
C LEU G 118 50.20 64.46 27.43
N LEU G 119 50.00 65.23 28.50
CA LEU G 119 48.71 65.84 28.81
C LEU G 119 48.68 67.26 28.29
N ALA G 120 49.84 67.90 28.29
CA ALA G 120 49.97 69.28 27.81
C ALA G 120 49.75 69.37 26.31
N GLU G 121 50.60 68.70 25.54
CA GLU G 121 50.48 68.71 24.10
C GLU G 121 49.14 68.09 23.71
N ARG G 122 48.41 67.66 24.73
CA ARG G 122 47.09 67.06 24.58
C ARG G 122 47.08 65.76 23.78
N VAL G 123 48.09 64.92 23.98
CA VAL G 123 48.16 63.65 23.28
C VAL G 123 47.12 62.72 23.89
N CYS G 124 47.01 62.76 25.21
CA CYS G 124 46.04 61.93 25.93
C CYS G 124 45.23 62.79 26.88
N ASP G 125 44.10 62.25 27.34
CA ASP G 125 43.24 62.95 28.29
C ASP G 125 43.48 62.27 29.62
N ASN G 126 42.93 62.81 30.71
CA ASN G 126 43.13 62.20 32.02
C ASN G 126 42.67 60.75 32.03
N ASP G 127 41.87 60.37 31.04
CA ASP G 127 41.35 59.02 30.92
C ASP G 127 42.31 58.22 30.04
N THR G 128 42.73 58.84 28.94
CA THR G 128 43.63 58.21 27.97
C THR G 128 45.05 58.02 28.53
N VAL G 129 45.59 59.06 29.15
CA VAL G 129 46.94 59.02 29.72
C VAL G 129 47.25 57.77 30.52
N PRO G 130 48.41 57.14 30.23
CA PRO G 130 48.88 55.92 30.89
C PRO G 130 49.38 56.20 32.31
N SER G 131 49.43 55.16 33.14
CA SER G 131 49.93 55.31 34.49
C SER G 131 51.45 55.39 34.36
N VAL G 132 52.13 55.73 35.44
CA VAL G 132 53.58 55.83 35.40
C VAL G 132 54.23 54.50 35.02
N SER G 133 53.68 53.41 35.54
CA SER G 133 54.20 52.08 35.24
C SER G 133 54.21 51.86 33.74
N SER G 134 53.03 51.99 33.13
CA SER G 134 52.87 51.82 31.69
C SER G 134 53.90 52.63 30.94
N ILE G 135 54.04 53.90 31.30
CA ILE G 135 54.99 54.78 30.63
C ILE G 135 56.40 54.22 30.64
N ASN G 136 56.81 53.64 31.76
CA ASN G 136 58.15 53.06 31.85
C ASN G 136 58.21 51.77 31.02
N ARG G 137 57.08 51.06 30.93
CA ARG G 137 57.01 49.83 30.13
C ARG G 137 57.19 50.25 28.68
N ILE G 138 56.34 51.18 28.26
CA ILE G 138 56.34 51.69 26.90
C ILE G 138 57.73 52.16 26.48
N ILE G 139 58.62 52.33 27.45
CA ILE G 139 59.96 52.78 27.11
C ILE G 139 60.97 51.66 26.89
N ARG G 140 60.82 50.53 27.60
CA ARG G 140 61.77 49.44 27.39
C ARG G 140 61.31 48.32 26.48
N THR G 141 60.10 48.44 25.93
CA THR G 141 59.62 47.48 24.93
C THR G 141 58.58 48.17 24.07
N LYS G 142 59.06 49.24 23.47
CA LYS G 142 58.33 50.09 22.53
C LYS G 142 59.42 49.86 21.46
N PRO H 4 23.93 24.56 32.29
CA PRO H 4 23.47 24.09 30.94
C PRO H 4 23.03 22.62 30.99
N ILE H 5 21.80 22.40 31.43
CA ILE H 5 21.24 21.06 31.54
C ILE H 5 21.08 20.42 30.16
N GLN H 6 21.32 19.11 30.11
CA GLN H 6 21.20 18.36 28.88
C GLN H 6 19.79 17.80 28.72
N LEU H 7 19.34 17.65 27.48
CA LEU H 7 17.99 17.18 27.24
C LEU H 7 17.59 15.91 27.97
N TRP H 8 18.45 14.88 27.94
CA TRP H 8 18.10 13.64 28.62
C TRP H 8 17.92 13.85 30.13
N GLN H 9 18.71 14.75 30.71
CA GLN H 9 18.60 15.04 32.15
C GLN H 9 17.29 15.79 32.43
N PHE H 10 16.95 16.75 31.57
CA PHE H 10 15.72 17.50 31.72
C PHE H 10 14.54 16.54 31.75
N LEU H 11 14.46 15.65 30.76
CA LEU H 11 13.36 14.69 30.70
C LEU H 11 13.31 13.85 31.97
N LEU H 12 14.48 13.44 32.46
CA LEU H 12 14.59 12.64 33.67
C LEU H 12 14.05 13.39 34.87
N GLU H 13 14.29 14.70 34.93
CA GLU H 13 13.79 15.52 36.03
C GLU H 13 12.28 15.53 35.99
N LEU H 14 11.74 15.65 34.79
CA LEU H 14 10.30 15.65 34.60
C LEU H 14 9.71 14.30 35.01
N LEU H 15 10.37 13.23 34.60
CA LEU H 15 9.95 11.86 34.88
C LEU H 15 9.96 11.45 36.35
N THR H 16 10.72 12.15 37.18
CA THR H 16 10.78 11.83 38.63
C THR H 16 10.03 12.88 39.47
N ASP H 17 9.16 13.64 38.82
CA ASP H 17 8.36 14.68 39.48
C ASP H 17 6.89 14.30 39.21
N LYS H 18 6.18 13.82 40.24
CA LYS H 18 4.77 13.42 40.08
C LYS H 18 3.85 14.47 39.48
N SER H 19 4.18 15.75 39.63
CA SER H 19 3.32 16.78 39.08
C SER H 19 3.33 16.86 37.55
N CYS H 20 4.29 16.20 36.91
CA CYS H 20 4.40 16.23 35.45
C CYS H 20 3.85 15.01 34.75
N GLN H 21 3.27 14.08 35.51
CA GLN H 21 2.80 12.85 34.90
C GLN H 21 1.68 13.00 33.89
N SER H 22 0.99 14.13 33.90
CA SER H 22 -0.08 14.31 32.94
C SER H 22 0.44 14.48 31.51
N PHE H 23 1.69 14.92 31.36
CA PHE H 23 2.24 15.11 30.01
C PHE H 23 3.47 14.26 29.66
N ILE H 24 4.08 13.65 30.67
CA ILE H 24 5.21 12.76 30.44
C ILE H 24 5.27 11.74 31.60
N SER H 25 5.36 10.45 31.28
CA SER H 25 5.42 9.42 32.31
C SER H 25 6.06 8.09 31.89
N TRP H 26 6.42 7.27 32.88
CA TRP H 26 7.00 5.95 32.61
C TRP H 26 5.88 5.01 32.14
N THR H 27 6.18 4.06 31.25
CA THR H 27 5.14 3.16 30.78
C THR H 27 5.02 1.93 31.68
N GLY H 28 5.99 1.75 32.58
CA GLY H 28 5.94 0.60 33.46
C GLY H 28 6.88 -0.51 32.98
N ASP H 29 7.41 -0.35 31.78
CA ASP H 29 8.33 -1.34 31.24
C ASP H 29 9.76 -0.83 31.33
N GLY H 30 10.45 -1.20 32.41
CA GLY H 30 11.84 -0.78 32.59
C GLY H 30 11.99 0.73 32.57
N TRP H 31 12.94 1.24 31.77
CA TRP H 31 13.14 2.69 31.70
C TRP H 31 12.46 3.30 30.48
N GLU H 32 11.38 2.67 30.05
CA GLU H 32 10.64 3.18 28.89
C GLU H 32 9.71 4.28 29.36
N PHE H 33 9.61 5.35 28.58
CA PHE H 33 8.73 6.44 28.95
C PHE H 33 7.95 6.95 27.75
N LYS H 34 6.97 7.80 28.01
CA LYS H 34 6.12 8.32 26.95
C LYS H 34 5.78 9.79 27.12
N LEU H 35 5.73 10.49 25.99
CA LEU H 35 5.40 11.91 26.00
C LEU H 35 3.91 12.04 25.69
N SER H 36 3.09 11.91 26.74
CA SER H 36 1.65 12.02 26.61
C SER H 36 1.25 13.25 25.81
N ASP H 37 1.96 14.35 26.03
CA ASP H 37 1.70 15.59 25.29
C ASP H 37 3.07 16.09 24.86
N PRO H 38 3.56 15.60 23.71
CA PRO H 38 4.88 15.99 23.19
C PRO H 38 5.08 17.50 23.05
N ASP H 39 4.01 18.22 22.72
CA ASP H 39 4.12 19.66 22.54
C ASP H 39 4.36 20.40 23.84
N GLU H 40 3.73 19.95 24.93
CA GLU H 40 3.96 20.60 26.21
C GLU H 40 5.40 20.32 26.64
N VAL H 41 5.91 19.13 26.35
CA VAL H 41 7.28 18.81 26.73
C VAL H 41 8.25 19.72 25.97
N ALA H 42 7.99 19.90 24.68
CA ALA H 42 8.85 20.75 23.87
C ALA H 42 8.76 22.18 24.41
N ARG H 43 7.55 22.60 24.76
CA ARG H 43 7.38 23.95 25.29
C ARG H 43 8.29 24.15 26.51
N ARG H 44 8.23 23.22 27.47
CA ARG H 44 9.05 23.37 28.67
C ARG H 44 10.55 23.27 28.40
N TRP H 45 10.92 22.44 27.44
CA TRP H 45 12.34 22.33 27.12
C TRP H 45 12.77 23.71 26.60
N GLY H 46 11.97 24.30 25.72
CA GLY H 46 12.31 25.60 25.16
C GLY H 46 12.40 26.67 26.24
N LYS H 47 11.45 26.65 27.15
CA LYS H 47 11.44 27.60 28.26
C LYS H 47 12.71 27.41 29.09
N ARG H 48 13.00 26.14 29.41
N ARG H 48 13.01 26.15 29.41
CA ARG H 48 14.18 25.80 30.20
CA ARG H 48 14.18 25.82 30.20
C ARG H 48 15.49 26.27 29.58
C ARG H 48 15.49 26.30 29.57
N LYS H 49 15.60 26.16 28.25
CA LYS H 49 16.82 26.59 27.57
C LYS H 49 16.73 28.01 26.96
N ASN H 50 15.64 28.71 27.23
CA ASN H 50 15.42 30.05 26.67
C ASN H 50 15.50 30.03 25.15
N LYS H 51 14.73 29.14 24.54
CA LYS H 51 14.68 29.00 23.10
C LYS H 51 13.21 29.10 22.70
N PRO H 52 12.73 30.33 22.45
CA PRO H 52 11.33 30.54 22.08
C PRO H 52 10.86 29.77 20.85
N LYS H 53 11.78 29.41 19.97
CA LYS H 53 11.38 28.68 18.77
C LYS H 53 11.35 27.16 18.88
N MET H 54 11.67 26.62 20.04
CA MET H 54 11.65 25.17 20.22
C MET H 54 10.25 24.64 19.93
N ASN H 55 10.20 23.48 19.31
CA ASN H 55 8.94 22.84 18.99
C ASN H 55 9.22 21.35 19.00
N TYR H 56 8.18 20.56 18.76
CA TYR H 56 8.30 19.11 18.77
C TYR H 56 9.27 18.55 17.74
N GLU H 57 9.30 19.14 16.56
CA GLU H 57 10.21 18.65 15.52
C GLU H 57 11.66 18.77 15.98
N LYS H 58 12.01 19.87 16.64
CA LYS H 58 13.38 20.01 17.07
C LYS H 58 13.71 19.14 18.27
N LEU H 59 12.75 18.95 19.17
N LEU H 59 12.73 18.96 19.16
CA LEU H 59 13.02 18.12 20.33
CA LEU H 59 12.92 18.12 20.33
C LEU H 59 13.15 16.67 19.87
C LEU H 59 13.14 16.68 19.86
N SER H 60 12.31 16.27 18.90
CA SER H 60 12.39 14.92 18.35
C SER H 60 13.77 14.67 17.75
N ARG H 61 14.32 15.68 17.05
CA ARG H 61 15.63 15.54 16.44
C ARG H 61 16.66 15.40 17.57
N GLY H 62 16.46 16.14 18.66
CA GLY H 62 17.37 16.02 19.77
C GLY H 62 17.36 14.59 20.32
N LEU H 63 16.19 13.94 20.29
CA LEU H 63 16.12 12.56 20.79
C LEU H 63 16.83 11.62 19.81
N ARG H 64 16.65 11.84 18.51
CA ARG H 64 17.32 11.00 17.52
C ARG H 64 18.85 11.14 17.67
N TYR H 65 19.29 12.31 18.10
CA TYR H 65 20.71 12.57 18.30
C TYR H 65 21.29 11.64 19.40
N TYR H 66 20.43 11.18 20.30
CA TYR H 66 20.86 10.29 21.37
C TYR H 66 20.92 8.81 20.97
N TYR H 67 20.30 8.43 19.85
CA TYR H 67 20.28 7.03 19.45
C TYR H 67 21.63 6.32 19.46
N ASP H 68 22.67 6.97 18.94
CA ASP H 68 23.98 6.31 18.88
C ASP H 68 24.94 6.70 20.00
N LYS H 69 24.43 7.35 21.04
CA LYS H 69 25.27 7.75 22.17
C LYS H 69 24.96 6.83 23.35
N ASN H 70 24.16 5.80 23.10
N ASN H 70 24.14 5.81 23.11
CA ASN H 70 23.76 4.86 24.16
CA ASN H 70 23.76 4.87 24.15
C ASN H 70 23.07 5.62 25.30
C ASN H 70 23.07 5.62 25.30
N ILE H 71 22.24 6.59 24.94
CA ILE H 71 21.54 7.36 25.95
C ILE H 71 20.04 7.08 25.88
N ILE H 72 19.46 7.23 24.70
CA ILE H 72 18.05 6.99 24.50
C ILE H 72 17.72 6.30 23.17
N HIS H 73 16.76 5.38 23.19
CA HIS H 73 16.31 4.68 21.97
C HIS H 73 14.80 4.94 21.87
N LYS H 74 14.29 4.88 20.64
CA LYS H 74 12.86 5.08 20.39
C LYS H 74 12.16 3.73 20.26
N THR H 75 10.96 3.63 20.82
CA THR H 75 10.20 2.40 20.74
C THR H 75 9.34 2.40 19.49
N ALA H 76 9.47 1.35 18.68
CA ALA H 76 8.71 1.21 17.44
C ALA H 76 7.29 0.75 17.75
N GLY H 77 6.39 0.94 16.78
CA GLY H 77 5.02 0.50 16.97
C GLY H 77 4.06 1.50 17.58
N LYS H 78 4.58 2.64 18.02
CA LYS H 78 3.74 3.67 18.61
C LYS H 78 4.42 5.02 18.59
N ARG H 79 3.63 6.06 18.80
CA ARG H 79 4.12 7.43 18.81
C ARG H 79 4.54 7.92 20.22
N TYR H 80 5.51 8.83 20.25
CA TYR H 80 5.97 9.46 21.49
C TYR H 80 6.54 8.55 22.59
N VAL H 81 6.94 7.33 22.25
CA VAL H 81 7.50 6.43 23.28
C VAL H 81 8.98 6.16 23.07
N TYR H 82 9.77 6.42 24.11
CA TYR H 82 11.22 6.23 24.10
C TYR H 82 11.71 5.42 25.31
N ARG H 83 13.00 5.12 25.35
CA ARG H 83 13.56 4.33 26.45
C ARG H 83 14.97 4.75 26.77
N PHE H 84 15.24 5.01 28.04
CA PHE H 84 16.60 5.35 28.45
C PHE H 84 17.37 4.03 28.39
N VAL H 85 18.55 4.03 27.76
CA VAL H 85 19.35 2.82 27.69
C VAL H 85 20.68 3.01 28.39
N CYS H 86 20.87 4.16 29.03
CA CYS H 86 22.09 4.38 29.78
C CYS H 86 21.81 3.74 31.13
N ASP H 87 22.84 3.58 31.95
CA ASP H 87 22.69 2.93 33.25
C ASP H 87 22.00 3.81 34.31
N LEU H 88 20.67 3.95 34.23
CA LEU H 88 19.95 4.77 35.20
C LEU H 88 19.95 4.21 36.63
N GLN H 89 20.03 2.89 36.77
CA GLN H 89 20.04 2.30 38.10
C GLN H 89 21.20 2.87 38.90
N SER H 90 22.37 2.96 38.28
CA SER H 90 23.57 3.50 38.93
C SER H 90 23.43 4.98 39.21
N LEU H 91 22.81 5.72 38.30
CA LEU H 91 22.66 7.15 38.49
C LEU H 91 21.63 7.49 39.54
N LEU H 92 20.45 6.86 39.44
CA LEU H 92 19.37 7.13 40.38
C LEU H 92 19.48 6.36 41.69
N GLY H 93 20.08 5.18 41.65
CA GLY H 93 20.21 4.39 42.85
C GLY H 93 18.94 3.59 43.13
N TYR H 94 18.20 3.28 42.07
CA TYR H 94 16.96 2.50 42.19
C TYR H 94 16.72 1.69 40.93
N THR H 95 16.04 0.57 41.11
CA THR H 95 15.64 -0.22 39.96
C THR H 95 14.40 0.35 39.31
N PRO H 96 14.01 -0.08 38.15
CA PRO H 96 12.81 0.48 37.51
C PRO H 96 11.59 0.21 38.39
N GLU H 97 11.50 -1.01 38.94
CA GLU H 97 10.36 -1.37 39.78
C GLU H 97 10.28 -0.49 41.03
N GLU H 98 11.40 -0.31 41.71
CA GLU H 98 11.37 0.52 42.89
C GLU H 98 10.95 1.95 42.52
N LEU H 99 11.51 2.48 41.43
N LEU H 99 11.51 2.48 41.43
CA LEU H 99 11.19 3.83 40.99
CA LEU H 99 11.20 3.83 40.98
C LEU H 99 9.72 3.93 40.60
C LEU H 99 9.73 3.94 40.58
N HIS H 100 9.24 2.96 39.84
CA HIS H 100 7.83 2.98 39.43
C HIS H 100 6.93 2.99 40.67
N ALA H 101 7.25 2.13 41.63
CA ALA H 101 6.47 2.04 42.86
C ALA H 101 6.43 3.39 43.56
N MET H 102 7.60 4.03 43.67
CA MET H 102 7.69 5.33 44.32
C MET H 102 6.90 6.43 43.61
N LEU H 103 6.59 6.25 42.34
CA LEU H 103 5.85 7.24 41.57
C LEU H 103 4.44 6.85 41.21
N ASP H 104 3.95 5.77 41.83
CA ASP H 104 2.59 5.30 41.58
C ASP H 104 2.33 5.03 40.10
N VAL H 105 3.25 4.31 39.45
CA VAL H 105 3.11 3.96 38.04
C VAL H 105 2.43 2.60 37.89
N LYS H 106 1.52 2.49 36.93
CA LYS H 106 0.79 1.24 36.67
C LYS H 106 1.45 0.39 35.57
N GLY I 84 -6.87 6.91 -11.20
CA GLY I 84 -6.16 5.59 -11.19
C GLY I 84 -6.95 4.48 -10.52
N GLY I 85 -6.98 3.31 -11.17
CA GLY I 85 -7.70 2.18 -10.63
C GLY I 85 -6.81 1.00 -10.28
N SER I 86 -6.59 0.10 -11.25
CA SER I 86 -5.75 -1.07 -11.02
C SER I 86 -5.18 -1.64 -12.31
N LYS I 87 -4.33 -2.65 -12.17
CA LYS I 87 -3.72 -3.31 -13.32
C LYS I 87 -4.04 -4.80 -13.33
N PRO I 88 -3.95 -5.44 -14.51
CA PRO I 88 -4.24 -6.87 -14.67
C PRO I 88 -3.42 -7.80 -13.78
N LYS I 89 -4.03 -8.92 -13.41
CA LYS I 89 -3.37 -9.93 -12.59
C LYS I 89 -3.44 -11.28 -13.28
N VAL I 90 -4.41 -11.40 -14.19
CA VAL I 90 -4.61 -12.64 -14.92
C VAL I 90 -4.87 -12.38 -16.40
N ALA I 91 -5.51 -11.25 -16.70
CA ALA I 91 -5.82 -10.87 -18.07
C ALA I 91 -4.58 -10.29 -18.74
N THR I 92 -3.42 -10.86 -18.44
CA THR I 92 -2.16 -10.39 -19.01
C THR I 92 -2.23 -10.43 -20.52
N PRO I 93 -1.50 -9.52 -21.19
CA PRO I 93 -1.47 -9.44 -22.65
C PRO I 93 -1.19 -10.79 -23.32
N LYS I 94 -0.39 -11.63 -22.66
CA LYS I 94 -0.06 -12.95 -23.18
C LYS I 94 -1.25 -13.89 -23.10
N VAL I 95 -1.91 -13.91 -21.94
CA VAL I 95 -3.07 -14.76 -21.75
C VAL I 95 -4.22 -14.30 -22.63
N VAL I 96 -4.37 -12.98 -22.76
CA VAL I 96 -5.41 -12.40 -23.59
C VAL I 96 -5.21 -12.72 -25.06
N GLU I 97 -3.96 -12.89 -25.46
CA GLU I 97 -3.65 -13.21 -26.86
C GLU I 97 -3.91 -14.67 -27.16
N LYS I 98 -3.59 -15.54 -26.21
CA LYS I 98 -3.81 -16.98 -26.38
C LYS I 98 -5.30 -17.29 -26.44
N ILE I 99 -6.07 -16.63 -25.59
CA ILE I 99 -7.51 -16.84 -25.57
C ILE I 99 -8.05 -16.54 -26.96
N ALA I 100 -7.59 -15.43 -27.54
CA ALA I 100 -8.02 -15.03 -28.87
C ALA I 100 -7.60 -16.09 -29.88
N GLU I 101 -6.44 -16.69 -29.66
CA GLU I 101 -5.91 -17.72 -30.55
C GLU I 101 -6.73 -19.01 -30.44
N TYR I 102 -7.24 -19.28 -29.25
CA TYR I 102 -8.04 -20.47 -29.02
C TYR I 102 -9.40 -20.28 -29.67
N LYS I 103 -9.86 -19.02 -29.72
CA LYS I 103 -11.14 -18.70 -30.33
C LYS I 103 -10.96 -18.71 -31.85
N ARG I 104 -9.70 -18.67 -32.27
CA ARG I 104 -9.39 -18.75 -33.69
C ARG I 104 -9.54 -20.17 -34.22
N GLN I 105 -8.92 -21.10 -33.50
CA GLN I 105 -8.97 -22.52 -33.84
C GLN I 105 -10.39 -23.07 -33.93
N ASN I 106 -11.19 -22.89 -32.88
CA ASN I 106 -12.57 -23.38 -32.87
C ASN I 106 -13.46 -22.60 -31.91
N PRO I 107 -14.20 -21.61 -32.44
CA PRO I 107 -15.12 -20.76 -31.67
C PRO I 107 -16.17 -21.51 -30.84
N THR I 108 -16.30 -22.81 -31.07
CA THR I 108 -17.27 -23.62 -30.35
C THR I 108 -16.79 -24.02 -28.96
N MET I 109 -15.67 -23.43 -28.54
CA MET I 109 -15.10 -23.72 -27.23
C MET I 109 -15.91 -23.13 -26.10
N PHE I 110 -15.96 -23.84 -24.97
CA PHE I 110 -16.65 -23.37 -23.78
C PHE I 110 -15.58 -22.70 -22.93
N ALA I 111 -15.99 -21.80 -22.05
CA ALA I 111 -15.04 -21.10 -21.19
C ALA I 111 -14.12 -22.07 -20.46
N TRP I 112 -14.70 -23.12 -19.85
CA TRP I 112 -13.91 -24.09 -19.11
C TRP I 112 -12.85 -24.78 -19.98
N GLU I 113 -13.12 -24.89 -21.28
CA GLU I 113 -12.17 -25.54 -22.18
C GLU I 113 -10.97 -24.63 -22.44
N ILE I 114 -11.21 -23.32 -22.53
CA ILE I 114 -10.13 -22.36 -22.74
C ILE I 114 -9.22 -22.42 -21.51
N ARG I 115 -9.83 -22.58 -20.35
CA ARG I 115 -9.08 -22.65 -19.10
C ARG I 115 -8.25 -23.93 -19.08
N ASP I 116 -8.80 -24.99 -19.69
CA ASP I 116 -8.14 -26.29 -19.77
C ASP I 116 -6.85 -26.26 -20.59
N ARG I 117 -6.92 -25.70 -21.80
CA ARG I 117 -5.74 -25.61 -22.67
C ARG I 117 -4.79 -24.54 -22.15
N LEU I 118 -5.34 -23.42 -21.72
CA LEU I 118 -4.55 -22.32 -21.21
C LEU I 118 -3.73 -22.82 -20.01
N LEU I 119 -4.15 -23.96 -19.47
CA LEU I 119 -3.48 -24.57 -18.32
C LEU I 119 -2.55 -25.71 -18.75
N ALA I 120 -2.96 -26.44 -19.79
CA ALA I 120 -2.18 -27.57 -20.30
C ALA I 120 -0.95 -27.13 -21.09
N GLU I 121 -1.12 -26.14 -21.98
CA GLU I 121 0.00 -25.64 -22.76
C GLU I 121 0.92 -24.85 -21.84
N ARG I 122 0.67 -24.96 -20.54
CA ARG I 122 1.45 -24.27 -19.52
C ARG I 122 1.59 -22.78 -19.83
N VAL I 123 0.49 -22.18 -20.25
CA VAL I 123 0.46 -20.75 -20.58
C VAL I 123 0.13 -19.97 -19.31
N CYS I 124 -0.38 -20.69 -18.31
CA CYS I 124 -0.73 -20.10 -17.02
C CYS I 124 -0.53 -21.11 -15.90
N ASP I 125 -0.17 -20.61 -14.73
CA ASP I 125 0.04 -21.46 -13.57
C ASP I 125 -1.31 -21.73 -12.95
N ASN I 126 -1.45 -22.86 -12.27
CA ASN I 126 -2.71 -23.21 -11.62
C ASN I 126 -3.11 -22.09 -10.65
N ASP I 127 -2.20 -21.14 -10.45
CA ASP I 127 -2.45 -20.01 -9.56
C ASP I 127 -2.47 -18.70 -10.34
N THR I 128 -2.29 -18.80 -11.66
CA THR I 128 -2.28 -17.64 -12.54
C THR I 128 -3.34 -17.78 -13.64
N VAL I 129 -3.98 -18.95 -13.71
CA VAL I 129 -5.01 -19.21 -14.71
C VAL I 129 -6.28 -18.41 -14.45
N PRO I 130 -6.78 -17.70 -15.49
CA PRO I 130 -8.00 -16.89 -15.34
C PRO I 130 -9.16 -17.79 -14.93
N SER I 131 -10.12 -17.21 -14.20
CA SER I 131 -11.29 -17.98 -13.79
C SER I 131 -12.21 -17.99 -15.00
N VAL I 132 -13.16 -18.92 -15.04
CA VAL I 132 -14.09 -19.00 -16.15
C VAL I 132 -14.75 -17.64 -16.39
N SER I 133 -15.04 -16.92 -15.30
CA SER I 133 -15.68 -15.61 -15.41
C SER I 133 -14.76 -14.62 -16.13
N SER I 134 -13.47 -14.65 -15.80
CA SER I 134 -12.51 -13.75 -16.42
C SER I 134 -12.38 -14.05 -17.91
N ILE I 135 -12.31 -15.34 -18.24
CA ILE I 135 -12.18 -15.76 -19.63
C ILE I 135 -13.34 -15.22 -20.46
N ASN I 136 -14.55 -15.28 -19.92
CA ASN I 136 -15.72 -14.78 -20.64
C ASN I 136 -15.68 -13.25 -20.66
N ARG I 137 -15.06 -12.67 -19.65
CA ARG I 137 -14.94 -11.21 -19.58
C ARG I 137 -13.93 -10.80 -20.66
N ILE I 138 -12.86 -11.57 -20.77
CA ILE I 138 -11.82 -11.29 -21.76
C ILE I 138 -12.45 -11.36 -23.16
N ILE I 139 -13.24 -12.41 -23.40
CA ILE I 139 -13.90 -12.60 -24.68
C ILE I 139 -14.86 -11.46 -24.99
N ARG I 140 -15.59 -10.98 -23.99
CA ARG I 140 -16.53 -9.87 -24.21
C ARG I 140 -15.77 -8.58 -24.48
N THR I 141 -14.51 -8.52 -24.05
CA THR I 141 -13.67 -7.35 -24.24
C THR I 141 -12.60 -7.60 -25.30
#